data_2RDR
#
_entry.id   2RDR
#
_cell.length_a   45.769
_cell.length_b   70.564
_cell.length_c   48.023
_cell.angle_alpha   90.000
_cell.angle_beta   113.170
_cell.angle_gamma   90.000
#
_symmetry.space_group_name_H-M   'P 1 21 1'
#
loop_
_entity.id
_entity.type
_entity.pdbx_description
1 polymer '1-deoxypentalenic acid 11-beta hydroxylase; Fe(II)/alpha-ketoglutarate dependent hydroxylase'
2 non-polymer 'FE (III) ION'
3 non-polymer 'MAGNESIUM ION'
4 non-polymer N-OXALYLGLYCINE
5 water water
#
_entity_poly.entity_id   1
_entity_poly.type   'polypeptide(L)'
_entity_poly.pdbx_seq_one_letter_code
;GSHMTNVTGDYTDCTPLLGDRAALDSFYEEHGYLFLRNVLDRDLVKTVAEQMREGLVALGAADPHATLEELTIDSFESVD
EVAMHDYVKYDAFWNNPSTIKVFEQVFGEPVFVFLSTTIRYYPSQAGSEEPSFHYLTPFHQDGFYIGPNQDFRTFWIPLI
RTTRESGGVALADGSHRRGKRDHVLNESFRRFGHPVRGIPPTEVSEDEHLLHSPMEPGDILLFHAHMCHKSIPNLSKDPR
LMRMSMDTRVQPAKSHRGFNAMTPWTESAKDASKGIMAKITGTPTDVE
;
_entity_poly.pdbx_strand_id   A
#
# COMPACT_ATOMS: atom_id res chain seq x y z
N ASN A 6 -1.67 12.76 14.01
CA ASN A 6 -0.67 11.87 14.66
C ASN A 6 0.60 11.67 13.83
N VAL A 7 0.53 11.97 12.53
CA VAL A 7 1.73 11.93 11.67
C VAL A 7 2.73 12.98 12.16
N THR A 8 3.97 12.55 12.40
CA THR A 8 4.99 13.46 12.92
C THR A 8 6.10 13.75 11.92
N GLY A 9 6.19 12.97 10.85
CA GLY A 9 7.31 13.13 9.94
C GLY A 9 7.08 12.66 8.53
N ASP A 10 8.07 12.96 7.68
CA ASP A 10 8.10 12.51 6.30
C ASP A 10 8.89 11.21 6.18
N TYR A 11 8.61 10.44 5.13
CA TYR A 11 9.52 9.35 4.77
C TYR A 11 10.87 9.95 4.43
N THR A 12 11.94 9.24 4.80
CA THR A 12 13.27 9.57 4.32
C THR A 12 13.45 9.06 2.88
N ASP A 13 13.89 9.96 2.00
CA ASP A 13 14.21 9.59 0.62
C ASP A 13 15.43 8.66 0.59
N CYS A 14 15.18 7.37 0.32
CA CYS A 14 16.26 6.38 0.30
C CYS A 14 16.87 6.12 -1.09
N THR A 15 16.37 6.80 -2.11
CA THR A 15 16.84 6.58 -3.48
C THR A 15 18.39 6.64 -3.62
N PRO A 16 19.05 7.63 -2.99
CA PRO A 16 20.52 7.65 -3.10
C PRO A 16 21.23 6.41 -2.53
N LEU A 17 20.50 5.58 -1.77
CA LEU A 17 21.07 4.36 -1.16
C LEU A 17 21.10 3.16 -2.09
N LEU A 18 20.29 3.21 -3.15
CA LEU A 18 20.12 2.08 -4.05
C LEU A 18 21.39 1.46 -4.60
N GLY A 19 22.42 2.28 -4.83
CA GLY A 19 23.71 1.79 -5.35
C GLY A 19 24.77 1.63 -4.28
N ASP A 20 24.33 1.50 -3.02
CA ASP A 20 25.25 1.30 -1.88
C ASP A 20 24.63 0.25 -0.97
N ARG A 21 25.00 -1.02 -1.21
CA ARG A 21 24.41 -2.18 -0.49
C ARG A 21 24.50 -2.00 1.02
N ALA A 22 25.68 -1.60 1.51
CA ALA A 22 25.90 -1.40 2.93
C ALA A 22 24.92 -0.39 3.57
N ALA A 23 24.79 0.77 2.94
CA ALA A 23 23.95 1.86 3.44
C ALA A 23 22.47 1.48 3.31
N LEU A 24 22.12 0.84 2.19
CA LEU A 24 20.74 0.42 1.93
C LEU A 24 20.27 -0.58 3.01
N ASP A 25 21.06 -1.64 3.18
CA ASP A 25 20.75 -2.67 4.17
C ASP A 25 20.71 -2.08 5.59
N SER A 26 21.64 -1.17 5.89
CA SER A 26 21.72 -0.57 7.23
C SER A 26 20.46 0.25 7.54
N PHE A 27 20.02 1.03 6.57
CA PHE A 27 18.82 1.86 6.75
C PHE A 27 17.61 0.96 6.96
N TYR A 28 17.49 -0.04 6.10
CA TYR A 28 16.34 -0.94 6.15
C TYR A 28 16.29 -1.71 7.47
N GLU A 29 17.45 -2.19 7.92
CA GLU A 29 17.54 -2.90 9.20
C GLU A 29 17.10 -2.01 10.37
N GLU A 30 17.59 -0.77 10.39
CA GLU A 30 17.24 0.16 11.48
C GLU A 30 15.77 0.59 11.43
N HIS A 31 15.33 0.93 10.22
CA HIS A 31 14.07 1.65 10.03
C HIS A 31 12.88 0.80 9.62
N GLY A 32 13.13 -0.30 8.89
CA GLY A 32 12.10 -1.25 8.52
C GLY A 32 11.32 -0.85 7.26
N TYR A 33 11.83 0.16 6.57
CA TYR A 33 11.24 0.62 5.31
C TYR A 33 12.27 1.20 4.36
N LEU A 34 11.88 1.36 3.11
CA LEU A 34 12.62 2.16 2.14
C LEU A 34 11.60 2.93 1.31
N PHE A 35 11.90 4.20 1.09
CA PHE A 35 11.13 5.08 0.20
C PHE A 35 12.01 5.38 -0.99
N LEU A 36 11.58 4.96 -2.17
CA LEU A 36 12.35 5.11 -3.40
C LEU A 36 11.58 5.97 -4.39
N ARG A 37 12.22 7.02 -4.90
CA ARG A 37 11.54 8.01 -5.73
C ARG A 37 11.90 7.89 -7.21
N ASN A 38 10.87 7.83 -8.04
CA ASN A 38 11.03 7.85 -9.50
C ASN A 38 11.89 6.70 -10.01
N VAL A 39 11.64 5.50 -9.48
CA VAL A 39 12.43 4.31 -9.85
C VAL A 39 11.66 3.36 -10.77
N LEU A 40 10.33 3.48 -10.75
CA LEU A 40 9.46 2.70 -11.62
C LEU A 40 9.21 3.44 -12.93
N ASP A 41 9.00 2.67 -14.00
CA ASP A 41 8.68 3.25 -15.31
C ASP A 41 7.36 4.01 -15.20
N ARG A 42 7.41 5.33 -15.36
CA ARG A 42 6.22 6.15 -15.19
C ARG A 42 5.11 5.88 -16.23
N ASP A 43 5.49 5.45 -17.43
CA ASP A 43 4.52 5.09 -18.45
C ASP A 43 3.78 3.80 -18.07
N LEU A 44 4.52 2.84 -17.50
CA LEU A 44 3.90 1.62 -16.98
C LEU A 44 2.92 1.91 -15.87
N VAL A 45 3.33 2.79 -14.95
CA VAL A 45 2.46 3.20 -13.84
C VAL A 45 1.19 3.91 -14.35
N LYS A 46 1.37 4.81 -15.33
CA LYS A 46 0.25 5.52 -15.95
C LYS A 46 -0.75 4.52 -16.53
N THR A 47 -0.23 3.48 -17.19
CA THR A 47 -1.08 2.46 -17.79
C THR A 47 -1.95 1.74 -16.73
N VAL A 48 -1.35 1.39 -15.59
CA VAL A 48 -2.09 0.79 -14.50
C VAL A 48 -3.18 1.73 -13.98
N ALA A 49 -2.80 2.99 -13.75
CA ALA A 49 -3.76 4.01 -13.31
C ALA A 49 -4.94 4.11 -14.29
N GLU A 50 -4.61 4.15 -15.59
N GLU A 50 -4.63 4.14 -15.59
CA GLU A 50 -5.63 4.21 -16.65
CA GLU A 50 -5.67 4.24 -16.62
C GLU A 50 -6.55 2.99 -16.64
C GLU A 50 -6.54 2.97 -16.73
N GLN A 51 -5.96 1.82 -16.37
CA GLN A 51 -6.73 0.57 -16.24
C GLN A 51 -7.69 0.65 -15.05
N MET A 52 -7.20 1.14 -13.91
CA MET A 52 -8.08 1.37 -12.77
C MET A 52 -9.22 2.35 -13.13
N ARG A 53 -8.88 3.47 -13.77
CA ARG A 53 -9.92 4.40 -14.25
C ARG A 53 -10.90 3.70 -15.19
N GLU A 54 -10.39 2.93 -16.15
CA GLU A 54 -11.26 2.21 -17.09
C GLU A 54 -12.32 1.38 -16.34
N GLY A 55 -11.85 0.67 -15.31
CA GLY A 55 -12.75 -0.12 -14.46
C GLY A 55 -13.80 0.74 -13.79
N LEU A 56 -13.37 1.86 -13.20
CA LEU A 56 -14.30 2.74 -12.49
C LEU A 56 -15.32 3.39 -13.41
N VAL A 57 -14.89 3.71 -14.64
CA VAL A 57 -15.77 4.25 -15.64
C VAL A 57 -16.73 3.16 -16.13
N ALA A 58 -16.18 2.00 -16.49
CA ALA A 58 -16.96 0.92 -17.09
C ALA A 58 -18.02 0.44 -16.14
N LEU A 59 -17.68 0.40 -14.85
CA LEU A 59 -18.58 -0.08 -13.81
C LEU A 59 -19.54 1.00 -13.31
N GLY A 60 -19.55 2.16 -13.98
CA GLY A 60 -20.54 3.20 -13.70
C GLY A 60 -20.25 4.15 -12.54
N ALA A 61 -19.09 4.02 -11.92
CA ALA A 61 -18.74 4.83 -10.75
C ALA A 61 -18.07 6.17 -11.12
N ALA A 62 -17.46 6.26 -12.30
CA ALA A 62 -16.68 7.46 -12.66
C ALA A 62 -17.02 8.10 -14.00
N ASP A 63 -16.70 9.39 -14.10
CA ASP A 63 -17.00 10.23 -15.28
C ASP A 63 -15.98 10.00 -16.41
N PRO A 64 -16.43 9.58 -17.62
CA PRO A 64 -15.53 9.35 -18.75
C PRO A 64 -14.88 10.63 -19.30
N HIS A 65 -15.31 11.79 -18.81
CA HIS A 65 -14.78 13.09 -19.27
C HIS A 65 -13.65 13.59 -18.37
N ALA A 66 -13.34 12.84 -17.32
CA ALA A 66 -12.42 13.29 -16.27
C ALA A 66 -10.99 12.78 -16.48
N THR A 67 -10.00 13.65 -16.24
CA THR A 67 -8.61 13.23 -16.13
C THR A 67 -8.45 12.41 -14.85
N LEU A 68 -7.28 11.82 -14.64
CA LEU A 68 -7.03 11.00 -13.45
C LEU A 68 -7.21 11.80 -12.15
N GLU A 69 -6.72 13.04 -12.15
CA GLU A 69 -6.78 13.87 -10.94
C GLU A 69 -8.17 14.48 -10.72
N GLU A 70 -8.98 14.51 -11.78
CA GLU A 70 -10.35 15.00 -11.67
C GLU A 70 -11.30 13.87 -11.29
N LEU A 71 -10.84 12.64 -11.44
CA LEU A 71 -11.68 11.47 -11.19
C LEU A 71 -12.22 11.45 -9.75
N THR A 72 -13.46 10.99 -9.61
CA THR A 72 -14.04 10.72 -8.29
C THR A 72 -15.13 9.65 -8.42
N ILE A 73 -15.48 9.05 -7.29
CA ILE A 73 -16.57 8.08 -7.25
C ILE A 73 -17.39 8.39 -5.99
N ASP A 74 -18.65 7.99 -5.99
CA ASP A 74 -19.52 8.24 -4.85
C ASP A 74 -19.08 7.46 -3.62
N SER A 75 -18.61 6.22 -3.85
CA SER A 75 -18.37 5.28 -2.77
C SER A 75 -17.44 4.17 -3.18
N PHE A 76 -16.42 3.91 -2.38
CA PHE A 76 -15.55 2.75 -2.64
C PHE A 76 -16.36 1.45 -2.62
N GLU A 77 -17.24 1.35 -1.62
CA GLU A 77 -18.00 0.13 -1.35
C GLU A 77 -18.97 -0.26 -2.46
N SER A 78 -19.50 0.71 -3.19
CA SER A 78 -20.48 0.40 -4.24
C SER A 78 -19.84 -0.09 -5.54
N VAL A 79 -18.51 -0.15 -5.57
CA VAL A 79 -17.81 -0.69 -6.73
C VAL A 79 -17.56 -2.19 -6.56
N ASP A 80 -17.78 -2.94 -7.64
CA ASP A 80 -17.54 -4.39 -7.65
C ASP A 80 -16.04 -4.63 -7.66
N GLU A 81 -15.49 -4.95 -6.50
CA GLU A 81 -14.04 -5.09 -6.35
C GLU A 81 -13.52 -6.29 -7.15
N VAL A 82 -14.29 -7.37 -7.21
CA VAL A 82 -13.89 -8.56 -7.96
C VAL A 82 -13.75 -8.18 -9.46
N ALA A 83 -14.72 -7.43 -9.97
CA ALA A 83 -14.65 -6.99 -11.38
C ALA A 83 -13.45 -6.05 -11.60
N MET A 84 -13.16 -5.22 -10.60
CA MET A 84 -12.02 -4.28 -10.70
C MET A 84 -10.70 -5.02 -10.93
N HIS A 85 -10.57 -6.19 -10.31
CA HIS A 85 -9.38 -7.02 -10.49
C HIS A 85 -9.19 -7.50 -11.92
N ASP A 86 -10.30 -7.60 -12.66
CA ASP A 86 -10.27 -7.95 -14.06
C ASP A 86 -9.67 -6.82 -14.90
N TYR A 87 -9.93 -5.58 -14.49
CA TYR A 87 -9.46 -4.39 -15.22
C TYR A 87 -8.00 -4.07 -14.98
N VAL A 88 -7.58 -4.17 -13.72
CA VAL A 88 -6.25 -3.72 -13.34
C VAL A 88 -5.23 -4.85 -13.50
N LYS A 89 -4.35 -4.70 -14.49
CA LYS A 89 -3.41 -5.76 -14.85
C LYS A 89 -2.10 -5.64 -14.08
N TYR A 90 -2.20 -5.84 -12.76
CA TYR A 90 -1.06 -5.67 -11.86
C TYR A 90 0.08 -6.69 -12.04
N ASP A 91 -0.25 -7.94 -12.35
CA ASP A 91 0.81 -8.96 -12.48
C ASP A 91 1.78 -8.61 -13.60
N ALA A 92 1.24 -8.14 -14.72
CA ALA A 92 2.05 -7.73 -15.87
C ALA A 92 2.95 -6.56 -15.49
N PHE A 93 2.44 -5.67 -14.63
CA PHE A 93 3.23 -4.55 -14.12
C PHE A 93 4.38 -4.99 -13.19
N TRP A 94 4.03 -5.73 -12.13
CA TRP A 94 5.01 -6.15 -11.14
C TRP A 94 6.16 -6.96 -11.79
N ASN A 95 5.82 -7.73 -12.83
CA ASN A 95 6.77 -8.65 -13.45
C ASN A 95 7.43 -8.09 -14.70
N ASN A 96 7.16 -6.83 -15.01
CA ASN A 96 7.89 -6.15 -16.09
C ASN A 96 9.38 -6.13 -15.73
N PRO A 97 10.27 -6.42 -16.70
CA PRO A 97 11.70 -6.45 -16.37
C PRO A 97 12.22 -5.21 -15.63
N SER A 98 11.71 -4.02 -15.97
CA SER A 98 12.16 -2.80 -15.26
C SER A 98 11.76 -2.80 -13.78
N THR A 99 10.54 -3.28 -13.50
CA THR A 99 10.04 -3.38 -12.13
C THR A 99 10.84 -4.42 -11.34
N ILE A 100 11.01 -5.58 -11.95
CA ILE A 100 11.80 -6.66 -11.36
C ILE A 100 13.23 -6.19 -11.03
N LYS A 101 13.82 -5.39 -11.91
CA LYS A 101 15.17 -4.86 -11.68
C LYS A 101 15.22 -4.10 -10.37
N VAL A 102 14.19 -3.29 -10.11
CA VAL A 102 14.16 -2.53 -8.89
C VAL A 102 14.04 -3.47 -7.69
N PHE A 103 13.15 -4.46 -7.78
CA PHE A 103 12.96 -5.41 -6.68
C PHE A 103 14.24 -6.16 -6.37
N GLU A 104 14.91 -6.62 -7.43
CA GLU A 104 16.21 -7.30 -7.29
C GLU A 104 17.28 -6.43 -6.63
N GLN A 105 17.35 -5.14 -7.01
CA GLN A 105 18.31 -4.23 -6.36
C GLN A 105 18.00 -4.11 -4.86
N VAL A 106 16.72 -4.04 -4.50
CA VAL A 106 16.33 -3.98 -3.08
C VAL A 106 16.75 -5.24 -2.30
N PHE A 107 16.36 -6.41 -2.79
CA PHE A 107 16.64 -7.67 -2.07
C PHE A 107 18.10 -8.13 -2.21
N GLY A 108 18.76 -7.72 -3.29
CA GLY A 108 20.11 -8.18 -3.60
C GLY A 108 20.18 -9.61 -4.07
N GLU A 109 19.04 -10.13 -4.55
CA GLU A 109 18.94 -11.49 -5.04
C GLU A 109 17.65 -11.59 -5.86
N PRO A 110 17.52 -12.67 -6.68
CA PRO A 110 16.28 -12.92 -7.40
C PRO A 110 15.06 -13.00 -6.49
N VAL A 111 13.92 -12.58 -7.03
CA VAL A 111 12.69 -12.42 -6.26
C VAL A 111 11.50 -13.17 -6.84
N PHE A 112 10.49 -13.35 -6.00
CA PHE A 112 9.18 -13.88 -6.37
C PHE A 112 8.13 -12.86 -5.90
N VAL A 113 7.27 -12.45 -6.84
CA VAL A 113 6.17 -11.53 -6.55
C VAL A 113 4.90 -12.31 -6.23
N PHE A 114 4.28 -11.96 -5.11
CA PHE A 114 3.00 -12.59 -4.71
C PHE A 114 1.99 -12.57 -5.87
N LEU A 115 1.20 -13.65 -5.97
CA LEU A 115 0.14 -13.72 -6.96
C LEU A 115 -1.10 -12.95 -6.49
N SER A 116 -1.03 -12.43 -5.27
CA SER A 116 -2.09 -11.55 -4.71
C SER A 116 -1.63 -10.10 -4.65
N THR A 117 -2.52 -9.19 -5.04
CA THR A 117 -2.31 -7.74 -4.96
C THR A 117 -3.62 -7.12 -4.45
N THR A 118 -3.51 -6.11 -3.59
CA THR A 118 -4.70 -5.38 -3.16
C THR A 118 -4.72 -4.06 -3.93
N ILE A 119 -5.87 -3.75 -4.50
CA ILE A 119 -6.05 -2.50 -5.25
C ILE A 119 -6.96 -1.57 -4.46
N ARG A 120 -6.64 -0.28 -4.44
CA ARG A 120 -7.33 0.68 -3.57
C ARG A 120 -7.68 1.93 -4.37
N TYR A 121 -8.93 2.34 -4.28
CA TYR A 121 -9.47 3.45 -5.08
C TYR A 121 -10.47 4.19 -4.20
N TYR A 122 -9.94 5.10 -3.39
CA TYR A 122 -10.67 5.72 -2.28
C TYR A 122 -11.01 7.18 -2.56
N PRO A 123 -12.30 7.51 -2.62
CA PRO A 123 -12.64 8.90 -2.91
C PRO A 123 -12.39 9.78 -1.68
N SER A 124 -12.21 11.09 -1.90
CA SER A 124 -12.20 11.98 -0.75
C SER A 124 -13.57 11.95 -0.04
N GLN A 125 -13.55 12.00 1.28
CA GLN A 125 -14.80 12.17 2.04
C GLN A 125 -14.77 13.42 2.91
N ALA A 126 -13.94 14.38 2.52
CA ALA A 126 -13.92 15.72 3.15
C ALA A 126 -15.35 16.26 3.24
N GLY A 127 -15.74 16.73 4.43
CA GLY A 127 -17.07 17.29 4.62
C GLY A 127 -18.17 16.32 5.03
N SER A 128 -17.92 15.02 4.85
N SER A 128 -17.94 15.03 4.82
CA SER A 128 -18.89 13.97 5.20
CA SER A 128 -18.91 14.00 5.20
C SER A 128 -19.04 13.83 6.71
C SER A 128 -19.03 13.93 6.72
N GLU A 129 -20.27 14.00 7.20
CA GLU A 129 -20.56 13.90 8.64
C GLU A 129 -20.55 12.48 9.17
N GLU A 130 -20.85 11.52 8.31
CA GLU A 130 -20.80 10.11 8.66
C GLU A 130 -19.94 9.41 7.61
N PRO A 131 -18.61 9.63 7.65
CA PRO A 131 -17.73 9.08 6.62
C PRO A 131 -17.65 7.56 6.76
N SER A 132 -17.42 6.89 5.64
CA SER A 132 -17.22 5.46 5.62
C SER A 132 -15.73 5.19 5.53
N PHE A 133 -15.08 5.00 6.68
CA PHE A 133 -13.65 4.66 6.71
C PHE A 133 -13.36 3.27 7.30
N HIS A 134 -14.41 2.46 7.47
CA HIS A 134 -14.27 1.12 8.08
C HIS A 134 -13.50 0.14 7.18
N TYR A 135 -13.44 0.44 5.89
CA TYR A 135 -12.72 -0.42 4.94
C TYR A 135 -11.22 -0.17 4.88
N LEU A 136 -10.79 0.88 5.58
CA LEU A 136 -9.36 1.14 5.74
C LEU A 136 -8.73 0.14 6.71
N THR A 137 -7.42 0.23 6.85
CA THR A 137 -6.70 -0.62 7.80
C THR A 137 -6.33 0.14 9.08
N PRO A 138 -6.44 -0.54 10.24
CA PRO A 138 -5.91 0.00 11.49
C PRO A 138 -4.42 -0.26 11.52
N PHE A 139 -3.74 0.11 12.59
CA PHE A 139 -2.36 -0.33 12.77
C PHE A 139 -2.32 -1.87 12.67
N HIS A 140 -1.38 -2.38 11.86
CA HIS A 140 -1.16 -3.82 11.77
C HIS A 140 0.23 -4.12 11.22
N GLN A 141 0.59 -5.40 11.21
CA GLN A 141 1.80 -5.89 10.55
C GLN A 141 1.37 -6.96 9.58
N ASP A 142 1.84 -6.87 8.32
CA ASP A 142 1.42 -7.82 7.29
C ASP A 142 1.78 -9.24 7.72
N GLY A 143 2.89 -9.36 8.46
CA GLY A 143 3.34 -10.65 8.98
C GLY A 143 2.38 -11.31 9.94
N PHE A 144 1.41 -10.54 10.47
CA PHE A 144 0.38 -11.10 11.34
C PHE A 144 -0.57 -12.03 10.56
N TYR A 145 -0.75 -11.76 9.27
N TYR A 145 -0.73 -11.72 9.27
CA TYR A 145 -1.69 -12.55 8.48
CA TYR A 145 -1.67 -12.41 8.39
C TYR A 145 -1.07 -13.18 7.21
C TYR A 145 -0.94 -13.35 7.43
N ILE A 146 0.20 -12.88 6.96
CA ILE A 146 0.96 -13.52 5.87
C ILE A 146 2.13 -14.34 6.39
N GLY A 147 2.26 -15.56 5.89
CA GLY A 147 3.36 -16.42 6.32
C GLY A 147 3.33 -17.78 5.65
N PRO A 148 4.00 -18.78 6.25
CA PRO A 148 4.69 -18.75 7.55
C PRO A 148 5.98 -17.91 7.56
N ASN A 149 6.68 -17.85 6.44
CA ASN A 149 7.92 -17.09 6.33
C ASN A 149 7.69 -15.59 6.56
N GLN A 150 8.64 -14.93 7.21
CA GLN A 150 8.49 -13.51 7.54
C GLN A 150 9.52 -12.63 6.83
N ASP A 151 10.13 -13.16 5.76
CA ASP A 151 11.14 -12.41 5.00
C ASP A 151 10.59 -11.76 3.71
N PHE A 152 9.27 -11.80 3.54
CA PHE A 152 8.67 -11.02 2.46
C PHE A 152 8.71 -9.51 2.83
N ARG A 153 8.53 -8.64 1.85
CA ARG A 153 8.35 -7.23 2.14
C ARG A 153 7.14 -6.74 1.33
N THR A 154 6.44 -5.77 1.90
CA THR A 154 5.26 -5.20 1.24
C THR A 154 5.73 -4.05 0.33
N PHE A 155 5.27 -4.09 -0.92
CA PHE A 155 5.55 -3.03 -1.88
C PHE A 155 4.26 -2.28 -2.20
N TRP A 156 4.27 -0.98 -1.89
CA TRP A 156 3.11 -0.11 -1.93
C TRP A 156 3.38 1.02 -2.93
N ILE A 157 2.52 1.15 -3.94
CA ILE A 157 2.76 2.18 -4.97
C ILE A 157 1.53 3.08 -5.21
N PRO A 158 1.77 4.39 -5.35
CA PRO A 158 0.71 5.30 -5.80
C PRO A 158 0.54 5.18 -7.31
N LEU A 159 -0.70 5.14 -7.77
CA LEU A 159 -1.00 5.16 -9.22
C LEU A 159 -1.26 6.59 -9.72
N ILE A 160 -1.80 7.42 -8.84
CA ILE A 160 -1.71 8.88 -9.00
C ILE A 160 -1.08 9.46 -7.74
N ARG A 161 -0.66 10.73 -7.78
CA ARG A 161 0.06 11.30 -6.66
C ARG A 161 -0.80 11.35 -5.40
N THR A 162 -0.16 11.24 -4.24
CA THR A 162 -0.85 11.44 -2.96
C THR A 162 -0.46 12.77 -2.34
N THR A 163 -1.33 13.28 -1.48
CA THR A 163 -1.00 14.43 -0.64
C THR A 163 -1.18 14.01 0.82
N ARG A 164 -0.76 14.88 1.74
CA ARG A 164 -0.94 14.57 3.16
C ARG A 164 -2.43 14.40 3.48
N GLU A 165 -3.26 15.16 2.76
CA GLU A 165 -4.71 15.10 2.95
C GLU A 165 -5.39 13.94 2.21
N SER A 166 -4.87 13.53 1.06
CA SER A 166 -5.52 12.43 0.32
C SER A 166 -5.18 11.07 0.91
N GLY A 167 -4.07 11.00 1.65
CA GLY A 167 -3.74 9.81 2.46
C GLY A 167 -2.75 8.85 1.81
N GLY A 168 -2.88 7.58 2.19
CA GLY A 168 -1.93 6.55 1.83
C GLY A 168 -1.69 5.67 3.04
N VAL A 169 -0.46 5.23 3.21
CA VAL A 169 -0.09 4.39 4.36
C VAL A 169 0.91 5.14 5.23
N ALA A 170 0.71 5.06 6.55
CA ALA A 170 1.64 5.68 7.51
C ALA A 170 2.38 4.57 8.23
N LEU A 171 3.66 4.81 8.47
CA LEU A 171 4.59 3.80 8.99
C LEU A 171 5.13 4.26 10.34
N ALA A 172 5.12 3.36 11.34
CA ALA A 172 5.76 3.62 12.62
C ALA A 172 7.24 3.25 12.47
N ASP A 173 8.05 4.30 12.31
CA ASP A 173 9.49 4.19 12.07
C ASP A 173 10.17 3.24 13.07
N GLY A 174 10.83 2.21 12.55
CA GLY A 174 11.62 1.32 13.42
C GLY A 174 10.82 0.35 14.28
N SER A 175 9.52 0.20 13.97
CA SER A 175 8.60 -0.63 14.77
C SER A 175 8.64 -2.12 14.44
N HIS A 176 9.64 -2.55 13.67
CA HIS A 176 9.68 -3.90 13.10
C HIS A 176 10.69 -4.82 13.83
N ARG A 177 11.22 -4.36 14.95
CA ARG A 177 12.35 -5.05 15.59
C ARG A 177 11.99 -5.83 16.88
N ARG A 178 10.71 -5.87 17.22
CA ARG A 178 10.30 -6.63 18.41
C ARG A 178 9.17 -7.65 18.15
N GLY A 179 9.20 -8.22 16.95
CA GLY A 179 8.29 -9.27 16.53
C GLY A 179 6.89 -8.75 16.31
N LYS A 180 5.94 -9.68 16.28
CA LYS A 180 4.54 -9.32 16.08
C LYS A 180 3.95 -8.77 17.36
N ARG A 181 3.15 -7.72 17.22
CA ARG A 181 2.53 -7.06 18.34
C ARG A 181 1.07 -7.44 18.43
N ASP A 182 0.42 -7.07 19.53
CA ASP A 182 -0.93 -7.51 19.80
C ASP A 182 -1.92 -6.84 18.84
N HIS A 183 -2.62 -7.66 18.05
CA HIS A 183 -3.73 -7.20 17.22
C HIS A 183 -5.02 -7.61 17.93
N VAL A 184 -5.78 -6.62 18.41
N VAL A 184 -5.78 -6.60 18.39
CA VAL A 184 -7.05 -6.91 19.08
CA VAL A 184 -7.05 -6.83 19.10
C VAL A 184 -8.26 -6.39 18.29
C VAL A 184 -8.27 -6.38 18.30
N LEU A 185 -9.40 -7.04 18.50
CA LEU A 185 -10.63 -6.74 17.76
C LEU A 185 -11.04 -5.27 17.88
N ASN A 186 -11.43 -4.69 16.74
CA ASN A 186 -11.76 -3.27 16.68
C ASN A 186 -13.02 -3.10 15.83
N GLU A 187 -14.09 -2.63 16.46
CA GLU A 187 -15.39 -2.52 15.79
C GLU A 187 -15.46 -1.46 14.69
N SER A 188 -14.50 -0.54 14.66
CA SER A 188 -14.52 0.58 13.68
C SER A 188 -13.83 0.23 12.35
N PHE A 189 -13.16 -0.92 12.33
CA PHE A 189 -12.58 -1.42 11.08
C PHE A 189 -13.24 -2.76 10.75
N ARG A 190 -13.69 -2.89 9.50
CA ARG A 190 -14.48 -4.05 9.11
C ARG A 190 -14.08 -4.61 7.75
N ARG A 191 -14.31 -5.90 7.60
CA ARG A 191 -14.18 -6.58 6.32
C ARG A 191 -15.31 -7.61 6.26
N PHE A 192 -16.08 -7.56 5.17
CA PHE A 192 -17.27 -8.40 5.02
C PHE A 192 -18.32 -8.19 6.13
N GLY A 193 -18.38 -6.97 6.66
CA GLY A 193 -19.33 -6.58 7.70
C GLY A 193 -18.90 -6.98 9.11
N HIS A 194 -17.75 -7.63 9.21
CA HIS A 194 -17.23 -8.15 10.49
C HIS A 194 -16.02 -7.37 10.97
N PRO A 195 -15.89 -7.17 12.30
CA PRO A 195 -14.74 -6.43 12.80
C PRO A 195 -13.42 -7.12 12.50
N VAL A 196 -12.36 -6.33 12.41
CA VAL A 196 -11.03 -6.89 12.20
C VAL A 196 -10.12 -6.48 13.36
N ARG A 197 -8.98 -7.14 13.45
CA ARG A 197 -8.03 -6.90 14.53
C ARG A 197 -6.98 -5.85 14.13
N GLY A 198 -6.64 -4.99 15.08
CA GLY A 198 -5.63 -3.94 14.87
C GLY A 198 -4.84 -3.68 16.14
N ILE A 199 -3.63 -3.16 15.96
CA ILE A 199 -2.75 -2.84 17.08
C ILE A 199 -3.19 -1.51 17.73
N PRO A 200 -3.54 -1.53 19.03
CA PRO A 200 -3.87 -0.23 19.63
C PRO A 200 -2.62 0.66 19.66
N PRO A 201 -2.79 1.98 19.39
CA PRO A 201 -1.67 2.94 19.36
C PRO A 201 -0.77 2.91 20.59
N THR A 202 -1.30 2.40 21.70
CA THR A 202 -0.57 2.18 22.94
C THR A 202 0.60 1.19 22.77
N GLU A 203 0.45 0.26 21.83
CA GLU A 203 1.44 -0.80 21.61
C GLU A 203 2.53 -0.31 20.64
N VAL A 204 2.42 0.95 20.21
CA VAL A 204 3.40 1.62 19.37
C VAL A 204 4.09 2.70 20.22
N SER A 205 5.43 2.66 20.24
CA SER A 205 6.24 3.53 21.09
C SER A 205 6.28 4.99 20.61
N GLU A 206 6.52 5.92 21.53
CA GLU A 206 6.69 7.34 21.20
C GLU A 206 7.84 7.55 20.20
N ASP A 207 8.90 6.76 20.35
CA ASP A 207 10.09 6.80 19.50
C ASP A 207 9.82 6.28 18.10
N GLU A 208 8.75 5.53 17.95
CA GLU A 208 8.41 4.94 16.66
C GLU A 208 7.56 5.91 15.86
N HIS A 209 8.21 6.99 15.43
CA HIS A 209 7.55 8.14 14.79
C HIS A 209 6.69 7.73 13.60
N LEU A 210 5.50 8.30 13.51
N LEU A 210 5.49 8.28 13.54
CA LEU A 210 4.55 7.96 12.45
CA LEU A 210 4.55 8.01 12.45
C LEU A 210 4.81 8.80 11.21
C LEU A 210 4.92 8.83 11.23
N LEU A 211 5.25 8.13 10.14
CA LEU A 211 5.66 8.81 8.92
C LEU A 211 4.65 8.66 7.79
N HIS A 212 4.39 9.78 7.11
CA HIS A 212 3.57 9.76 5.91
C HIS A 212 3.89 11.01 5.12
N SER A 213 4.17 10.80 3.84
CA SER A 213 4.64 11.84 2.93
C SER A 213 3.90 11.74 1.60
N PRO A 214 3.75 12.87 0.88
CA PRO A 214 3.27 12.78 -0.50
C PRO A 214 4.21 11.92 -1.38
N MET A 215 3.60 11.17 -2.29
CA MET A 215 4.32 10.33 -3.25
C MET A 215 3.82 10.61 -4.64
N GLU A 216 4.67 10.36 -5.62
CA GLU A 216 4.37 10.58 -7.03
C GLU A 216 4.38 9.24 -7.77
N PRO A 217 3.58 9.10 -8.83
CA PRO A 217 3.66 7.90 -9.66
C PRO A 217 5.11 7.71 -10.08
N GLY A 218 5.59 6.46 -9.99
CA GLY A 218 7.02 6.18 -10.17
C GLY A 218 7.73 5.88 -8.87
N ASP A 219 7.15 6.30 -7.73
CA ASP A 219 7.73 6.03 -6.40
C ASP A 219 7.29 4.67 -5.86
N ILE A 220 8.08 4.15 -4.93
CA ILE A 220 7.77 2.91 -4.19
C ILE A 220 7.97 3.17 -2.70
N LEU A 221 7.07 2.61 -1.89
CA LEU A 221 7.29 2.51 -0.44
C LEU A 221 7.26 1.02 -0.12
N LEU A 222 8.30 0.51 0.53
CA LEU A 222 8.37 -0.92 0.85
C LEU A 222 8.69 -1.07 2.34
N PHE A 223 8.23 -2.16 2.95
CA PHE A 223 8.46 -2.32 4.37
C PHE A 223 8.42 -3.74 4.86
N HIS A 224 9.15 -3.94 5.97
CA HIS A 224 9.32 -5.21 6.66
C HIS A 224 8.00 -5.84 7.10
N ALA A 225 7.98 -7.18 7.14
CA ALA A 225 6.82 -7.92 7.63
C ALA A 225 6.28 -7.48 8.99
N HIS A 226 7.16 -6.97 9.86
CA HIS A 226 6.75 -6.56 11.21
C HIS A 226 6.65 -5.03 11.35
N MET A 227 6.75 -4.32 10.22
CA MET A 227 6.58 -2.86 10.25
C MET A 227 5.11 -2.58 10.62
N CYS A 228 4.90 -1.83 11.71
CA CYS A 228 3.52 -1.45 12.08
C CYS A 228 3.10 -0.27 11.20
N HIS A 229 1.94 -0.41 10.54
CA HIS A 229 1.48 0.61 9.60
C HIS A 229 -0.04 0.63 9.54
N LYS A 230 -0.59 1.75 9.07
CA LYS A 230 -2.03 1.93 9.04
C LYS A 230 -2.44 2.82 7.86
N SER A 231 -3.73 2.80 7.52
CA SER A 231 -4.24 3.71 6.48
C SER A 231 -4.40 5.13 7.01
N ILE A 232 -4.15 6.11 6.14
CA ILE A 232 -4.48 7.51 6.38
C ILE A 232 -5.68 7.85 5.51
N PRO A 233 -6.78 8.31 6.15
CA PRO A 233 -8.03 8.55 5.40
C PRO A 233 -7.92 9.69 4.39
N ASN A 234 -8.75 9.61 3.34
CA ASN A 234 -8.77 10.62 2.30
C ASN A 234 -9.73 11.73 2.67
N LEU A 235 -9.17 12.88 3.05
CA LEU A 235 -9.95 14.06 3.37
C LEU A 235 -9.50 15.24 2.49
N SER A 236 -9.04 14.93 1.27
CA SER A 236 -8.49 15.95 0.39
C SER A 236 -9.56 16.92 -0.10
N LYS A 237 -9.17 18.19 -0.24
CA LYS A 237 -10.05 19.21 -0.80
C LYS A 237 -9.32 20.33 -1.55
N ASP A 238 -7.99 20.37 -1.44
CA ASP A 238 -7.20 21.43 -2.07
C ASP A 238 -5.89 20.93 -2.68
N PRO A 239 -5.97 20.13 -3.77
CA PRO A 239 -7.21 19.73 -4.46
C PRO A 239 -7.79 18.38 -3.98
N ARG A 240 -9.07 18.16 -4.28
CA ARG A 240 -9.73 16.88 -4.01
C ARG A 240 -9.20 15.83 -4.98
N LEU A 241 -8.71 14.73 -4.43
CA LEU A 241 -8.14 13.64 -5.23
C LEU A 241 -8.66 12.31 -4.74
N MET A 242 -8.84 11.37 -5.67
CA MET A 242 -8.96 9.98 -5.28
C MET A 242 -7.61 9.59 -4.71
N ARG A 243 -7.57 8.59 -3.82
CA ARG A 243 -6.30 7.96 -3.51
C ARG A 243 -6.31 6.61 -4.23
N MET A 244 -5.45 6.48 -5.24
CA MET A 244 -5.42 5.29 -6.07
C MET A 244 -4.05 4.64 -5.91
N SER A 245 -4.05 3.43 -5.38
CA SER A 245 -2.80 2.73 -5.07
C SER A 245 -2.97 1.22 -5.23
N MET A 246 -1.85 0.52 -5.23
CA MET A 246 -1.89 -0.93 -5.10
C MET A 246 -0.72 -1.42 -4.29
N ASP A 247 -0.91 -2.57 -3.65
CA ASP A 247 0.13 -3.12 -2.81
C ASP A 247 0.20 -4.62 -2.99
N THR A 248 1.43 -5.13 -3.09
CA THR A 248 1.68 -6.55 -3.16
C THR A 248 2.81 -6.87 -2.18
N ARG A 249 3.23 -8.11 -2.17
CA ARG A 249 4.38 -8.50 -1.38
C ARG A 249 5.38 -9.20 -2.30
N VAL A 250 6.65 -9.04 -1.97
CA VAL A 250 7.73 -9.65 -2.74
C VAL A 250 8.66 -10.36 -1.75
N GLN A 251 9.30 -11.44 -2.20
CA GLN A 251 10.22 -12.17 -1.35
C GLN A 251 11.33 -12.77 -2.18
N PRO A 252 12.41 -13.23 -1.51
CA PRO A 252 13.48 -13.89 -2.26
C PRO A 252 12.90 -15.10 -3.00
N ALA A 253 13.35 -15.33 -4.24
CA ALA A 253 12.88 -16.46 -5.07
C ALA A 253 13.04 -17.81 -4.36
N LYS A 254 14.06 -17.91 -3.50
CA LYS A 254 14.37 -19.15 -2.78
C LYS A 254 13.50 -19.44 -1.57
N SER A 255 12.77 -18.44 -1.10
CA SER A 255 11.99 -18.59 0.14
C SER A 255 10.71 -19.42 -0.04
N HIS A 256 10.24 -20.02 1.04
CA HIS A 256 8.98 -20.74 1.02
C HIS A 256 7.83 -19.85 0.54
N ARG A 257 6.98 -20.38 -0.34
CA ARG A 257 5.85 -19.62 -0.90
C ARG A 257 4.53 -20.11 -0.27
N GLY A 258 3.99 -19.25 0.58
CA GLY A 258 2.84 -19.59 1.40
C GLY A 258 1.52 -19.33 0.70
N PHE A 259 0.45 -19.47 1.46
CA PHE A 259 -0.91 -19.30 0.96
C PHE A 259 -1.12 -17.98 0.21
N ASN A 260 -0.83 -16.86 0.85
CA ASN A 260 -1.04 -15.57 0.17
C ASN A 260 -0.13 -15.34 -1.04
N ALA A 261 1.10 -15.82 -0.93
CA ALA A 261 2.06 -15.77 -2.02
C ALA A 261 1.50 -16.45 -3.27
N MET A 262 0.77 -17.54 -3.07
CA MET A 262 0.33 -18.39 -4.17
C MET A 262 -1.14 -18.22 -4.56
N THR A 263 -1.89 -17.39 -3.83
CA THR A 263 -3.33 -17.30 -4.03
C THR A 263 -3.79 -15.90 -4.42
N PRO A 264 -4.35 -15.73 -5.64
CA PRO A 264 -4.88 -14.43 -6.09
C PRO A 264 -5.91 -13.86 -5.12
N TRP A 265 -6.01 -12.54 -5.08
CA TRP A 265 -6.92 -11.84 -4.19
C TRP A 265 -8.39 -12.32 -4.24
N THR A 266 -8.92 -12.49 -5.44
CA THR A 266 -10.33 -12.91 -5.59
C THR A 266 -10.62 -14.29 -4.98
N GLU A 267 -9.64 -15.20 -5.06
CA GLU A 267 -9.77 -16.55 -4.50
C GLU A 267 -9.83 -16.54 -2.98
N SER A 268 -8.90 -15.82 -2.35
CA SER A 268 -8.88 -15.74 -0.89
C SER A 268 -10.02 -14.86 -0.33
N ALA A 269 -10.41 -13.81 -1.06
CA ALA A 269 -11.59 -13.02 -0.69
C ALA A 269 -12.82 -13.93 -0.68
#